data_5IK9
#
_entry.id   5IK9
#
_cell.length_a   126.440
_cell.length_b   126.440
_cell.length_c   123.530
_cell.angle_alpha   90.00
_cell.angle_beta   90.00
_cell.angle_gamma   90.00
#
_symmetry.space_group_name_H-M   'P 41 21 2'
#
loop_
_entity.id
_entity.type
_entity.pdbx_description
1 polymer '5-epi-aristolochene synthase'
2 non-polymer 'MAGNESIUM ION'
3 non-polymer '(2E,6Z)-3,7,11-trimethyldodeca-2,6,10-trien-1-yl dihydrogen phosphate'
4 water water
#
_entity_poly.entity_id   1
_entity_poly.type   'polypeptide(L)'
_entity_poly.pdbx_seq_one_letter_code
;GSMASAAVANYEEEIVRPVADFSPSLWGDQFLSFSIKNQVAEKYAKEIEALKEQTRNMLLATGMKLADTLNLIDTIERLG
ISYHFEKEIDDILDQIYNQNSNCNDLCTSALQFRLLRQHGFNISPEIFSKFQDENGKFKESLASDVLGLLNLYEASHVRT
HADDILEDALAFSTIHLESAAPHLKSPLREQVTHALEQCLHKGVPRVETRFFISSIYDKEQSKNNVLLRFAKLDFNLLQM
LHKQELAQVSRWWKDLDFVTTLPYARDRVVECYFWALGVYFEPQYSQARVMLVKTISMISIVDDTFDAYGTVKELEAYTD
AIQRWDINEIDRLPDYMKISYKAILDLYKDYEKELSSAGRSHIVCHAIERMKEVVRNYNVESTWFIEGYTPPVSEYLSNA
LATTTYYYLATTSYLGMKSATEQDFEWLSKNPKILEASVIICRVIDDTATYEVEKSRGQIATGIECCMRDYGISTKEAMA
KFQNMAETAWKDINEGLLRPTPVSTEFLTPILNLARIVEVTYIHNLDGYTHPEKVLKPHIINLLVDSIKI
;
_entity_poly.pdbx_strand_id   A
#
loop_
_chem_comp.id
_chem_comp.type
_chem_comp.name
_chem_comp.formula
FJP non-polymer '(2E,6Z)-3,7,11-trimethyldodeca-2,6,10-trien-1-yl dihydrogen phosphate' 'C15 H27 O4 P'
MG non-polymer 'MAGNESIUM ION' 'Mg 2'
#
# COMPACT_ATOMS: atom_id res chain seq x y z
N ILE A 15 39.75 8.21 1.03
CA ILE A 15 38.38 8.07 0.51
C ILE A 15 37.52 9.28 0.81
N VAL A 16 37.12 10.00 -0.23
CA VAL A 16 36.24 11.16 -0.07
C VAL A 16 34.79 10.78 -0.35
N ARG A 17 34.01 10.62 0.71
CA ARG A 17 32.62 10.19 0.58
C ARG A 17 31.77 11.33 0.00
N PRO A 18 30.60 11.00 -0.57
CA PRO A 18 29.67 12.04 -1.03
C PRO A 18 29.17 12.89 0.15
N VAL A 19 28.58 14.04 -0.16
CA VAL A 19 28.11 14.94 0.89
C VAL A 19 26.66 14.61 1.30
N ALA A 20 26.40 14.67 2.60
CA ALA A 20 25.07 14.38 3.15
C ALA A 20 24.03 15.33 2.60
N ASP A 21 23.02 14.77 1.93
CA ASP A 21 22.07 15.59 1.18
C ASP A 21 20.62 15.35 1.59
N PHE A 22 20.39 14.44 2.52
CA PHE A 22 19.02 14.12 2.93
C PHE A 22 18.52 15.09 4.00
N SER A 23 17.28 15.54 3.85
CA SER A 23 16.66 16.40 4.84
C SER A 23 16.47 15.64 6.16
N PRO A 24 16.64 16.33 7.30
CA PRO A 24 16.43 15.72 8.61
C PRO A 24 14.98 15.33 8.85
N SER A 25 14.76 14.45 9.82
CA SER A 25 13.40 14.09 10.20
C SER A 25 12.67 15.33 10.67
N LEU A 26 11.47 15.53 10.14
CA LEU A 26 10.72 16.74 10.38
C LEU A 26 9.85 16.61 11.63
N TRP A 27 9.94 15.46 12.31
CA TRP A 27 9.03 15.11 13.39
C TRP A 27 9.62 15.30 14.78
N GLY A 28 10.94 15.43 14.85
CA GLY A 28 11.63 15.54 16.13
C GLY A 28 11.31 14.35 17.01
N ASP A 29 10.95 14.63 18.26
CA ASP A 29 10.67 13.61 19.26
C ASP A 29 9.18 13.50 19.60
N GLN A 30 8.33 14.14 18.80
CA GLN A 30 6.92 14.27 19.16
C GLN A 30 6.21 12.92 19.24
N PHE A 31 6.79 11.89 18.65
CA PHE A 31 6.19 10.55 18.70
C PHE A 31 6.81 9.61 19.74
N LEU A 32 7.94 10.01 20.32
CA LEU A 32 8.76 9.11 21.14
C LEU A 32 8.06 8.54 22.36
N SER A 33 7.16 9.34 22.92
CA SER A 33 6.50 8.95 24.15
C SER A 33 5.01 9.19 24.04
N PHE A 34 4.24 8.11 24.01
CA PHE A 34 2.81 8.24 24.05
C PHE A 34 2.24 7.45 25.22
N SER A 35 1.60 8.17 26.14
CA SER A 35 0.91 7.55 27.26
C SER A 35 -0.60 7.46 27.02
N ILE A 36 -1.08 6.25 26.78
CA ILE A 36 -2.50 6.00 26.57
C ILE A 36 -3.31 6.34 27.82
N LYS A 37 -4.47 6.96 27.62
CA LYS A 37 -5.41 7.18 28.72
C LYS A 37 -6.37 6.00 28.82
N ASN A 38 -6.08 5.08 29.74
CA ASN A 38 -6.88 3.87 29.91
C ASN A 38 -8.36 4.11 30.13
N GLN A 39 -8.71 5.23 30.78
CA GLN A 39 -10.11 5.53 31.04
C GLN A 39 -10.84 5.79 29.73
N VAL A 40 -10.22 6.61 28.88
CA VAL A 40 -10.82 6.94 27.58
C VAL A 40 -10.85 5.71 26.69
N ALA A 41 -9.76 4.93 26.69
CA ALA A 41 -9.66 3.73 25.87
C ALA A 41 -10.74 2.72 26.23
N GLU A 42 -10.90 2.50 27.53
CA GLU A 42 -11.88 1.54 28.03
C GLU A 42 -13.30 2.01 27.80
N LYS A 43 -13.52 3.32 27.93
CA LYS A 43 -14.82 3.91 27.65
C LYS A 43 -15.18 3.73 26.17
N TYR A 44 -14.23 4.03 25.29
CA TYR A 44 -14.42 3.85 23.85
C TYR A 44 -14.73 2.39 23.50
N ALA A 45 -13.91 1.49 24.01
CA ALA A 45 -14.08 0.06 23.73
C ALA A 45 -15.47 -0.42 24.15
N LYS A 46 -15.92 0.00 25.32
CA LYS A 46 -17.22 -0.45 25.82
C LYS A 46 -18.37 0.06 24.97
N GLU A 47 -18.29 1.30 24.51
CA GLU A 47 -19.31 1.85 23.64
C GLU A 47 -19.30 1.18 22.25
N ILE A 48 -18.11 0.92 21.76
CA ILE A 48 -17.94 0.33 20.44
C ILE A 48 -18.56 -1.06 20.43
N GLU A 49 -18.39 -1.81 21.51
CA GLU A 49 -19.02 -3.12 21.62
C GLU A 49 -20.53 -3.04 21.41
N ALA A 50 -21.18 -2.04 22.01
CA ALA A 50 -22.61 -1.87 21.82
C ALA A 50 -22.93 -1.42 20.39
N LEU A 51 -22.21 -0.42 19.90
CA LEU A 51 -22.41 0.05 18.53
C LEU A 51 -22.16 -1.06 17.50
N LYS A 52 -21.16 -1.89 17.78
CA LYS A 52 -20.83 -3.02 16.91
C LYS A 52 -22.02 -3.98 16.77
N GLU A 53 -22.68 -4.28 17.88
CA GLU A 53 -23.85 -5.16 17.84
C GLU A 53 -25.05 -4.52 17.12
N GLN A 54 -25.30 -3.23 17.36
CA GLN A 54 -26.35 -2.52 16.62
C GLN A 54 -26.07 -2.59 15.14
N THR A 55 -24.81 -2.41 14.76
CA THR A 55 -24.42 -2.38 13.35
C THR A 55 -24.56 -3.77 12.72
N ARG A 56 -24.20 -4.81 13.49
CA ARG A 56 -24.39 -6.18 13.03
C ARG A 56 -25.85 -6.45 12.72
N ASN A 57 -26.75 -5.98 13.57
CA ASN A 57 -28.17 -6.19 13.36
C ASN A 57 -28.70 -5.41 12.16
N MET A 58 -28.13 -4.24 11.89
CA MET A 58 -28.42 -3.53 10.65
C MET A 58 -28.06 -4.40 9.42
N LEU A 59 -26.89 -5.03 9.44
CA LEU A 59 -26.45 -5.88 8.32
C LEU A 59 -27.31 -7.12 8.12
N LEU A 60 -27.75 -7.69 9.24
CA LEU A 60 -28.51 -8.92 9.22
C LEU A 60 -30.02 -8.69 9.08
N ALA A 61 -30.43 -7.45 8.87
CA ALA A 61 -31.85 -7.15 8.73
C ALA A 61 -32.42 -7.85 7.50
N THR A 62 -33.58 -8.47 7.66
CA THR A 62 -34.26 -9.16 6.55
C THR A 62 -35.05 -8.16 5.73
N GLY A 63 -35.35 -8.53 4.48
CA GLY A 63 -36.22 -7.73 3.64
C GLY A 63 -35.66 -6.44 3.07
N MET A 64 -34.33 -6.31 3.04
CA MET A 64 -33.69 -5.12 2.45
C MET A 64 -33.60 -5.22 0.94
N LYS A 65 -33.82 -4.10 0.25
CA LYS A 65 -33.62 -4.05 -1.20
C LYS A 65 -32.13 -4.16 -1.51
N LEU A 66 -31.83 -4.63 -2.71
CA LEU A 66 -30.48 -4.78 -3.18
C LEU A 66 -29.67 -3.49 -3.02
N ALA A 67 -30.23 -2.37 -3.50
CA ALA A 67 -29.54 -1.10 -3.48
C ALA A 67 -29.20 -0.66 -2.05
N ASP A 68 -30.14 -0.85 -1.12
CA ASP A 68 -29.90 -0.43 0.27
C ASP A 68 -28.85 -1.33 0.94
N THR A 69 -28.88 -2.63 0.62
CA THR A 69 -27.91 -3.57 1.15
C THR A 69 -26.49 -3.22 0.69
N LEU A 70 -26.33 -2.92 -0.60
CA LEU A 70 -25.03 -2.58 -1.14
C LEU A 70 -24.55 -1.25 -0.61
N ASN A 71 -25.44 -0.27 -0.45
CA ASN A 71 -25.00 1.03 0.07
C ASN A 71 -24.60 0.95 1.54
N LEU A 72 -25.25 0.09 2.31
CA LEU A 72 -24.88 -0.14 3.70
C LEU A 72 -23.48 -0.77 3.79
N ILE A 73 -23.25 -1.82 3.02
CA ILE A 73 -21.95 -2.47 2.99
C ILE A 73 -20.87 -1.49 2.54
N ASP A 74 -21.14 -0.77 1.45
CA ASP A 74 -20.18 0.22 0.97
C ASP A 74 -19.86 1.27 2.04
N THR A 75 -20.88 1.73 2.76
CA THR A 75 -20.69 2.77 3.78
C THR A 75 -19.87 2.24 4.94
N ILE A 76 -20.22 1.06 5.44
CA ILE A 76 -19.45 0.43 6.50
C ILE A 76 -17.99 0.20 6.07
N GLU A 77 -17.75 -0.21 4.82
CA GLU A 77 -16.37 -0.33 4.32
C GLU A 77 -15.65 1.00 4.27
N ARG A 78 -16.26 2.03 3.71
CA ARG A 78 -15.59 3.31 3.62
C ARG A 78 -15.36 3.95 5.01
N LEU A 79 -16.24 3.66 5.97
CA LEU A 79 -16.11 4.17 7.33
C LEU A 79 -14.99 3.44 8.08
N GLY A 80 -14.45 2.40 7.44
CA GLY A 80 -13.27 1.71 7.96
C GLY A 80 -13.57 0.73 9.09
N ILE A 81 -14.83 0.33 9.23
CA ILE A 81 -15.21 -0.58 10.30
C ILE A 81 -15.68 -1.94 9.80
N SER A 82 -15.50 -2.19 8.50
CA SER A 82 -15.92 -3.47 7.94
C SER A 82 -15.09 -4.63 8.47
N TYR A 83 -13.89 -4.37 9.00
CA TYR A 83 -13.06 -5.49 9.49
C TYR A 83 -13.72 -6.20 10.70
N HIS A 84 -14.73 -5.56 11.29
CA HIS A 84 -15.52 -6.20 12.36
C HIS A 84 -16.56 -7.17 11.80
N PHE A 85 -16.83 -7.09 10.50
CA PHE A 85 -17.98 -7.78 9.93
C PHE A 85 -17.63 -8.59 8.68
N GLU A 86 -16.46 -9.22 8.70
CA GLU A 86 -15.98 -9.91 7.50
C GLU A 86 -16.89 -11.08 7.15
N LYS A 87 -17.32 -11.85 8.14
CA LYS A 87 -18.27 -12.93 7.92
C LYS A 87 -19.64 -12.48 7.38
N GLU A 88 -20.25 -11.50 8.03
CA GLU A 88 -21.58 -11.03 7.62
C GLU A 88 -21.56 -10.45 6.22
N ILE A 89 -20.53 -9.67 5.94
CA ILE A 89 -20.41 -9.02 4.65
C ILE A 89 -20.16 -10.08 3.57
N ASP A 90 -19.32 -11.07 3.89
CA ASP A 90 -19.03 -12.12 2.93
C ASP A 90 -20.28 -12.94 2.59
N ASP A 91 -21.06 -13.27 3.60
CA ASP A 91 -22.28 -14.05 3.41
C ASP A 91 -23.26 -13.29 2.53
N ILE A 92 -23.45 -12.01 2.82
CA ILE A 92 -24.37 -11.20 2.04
C ILE A 92 -23.93 -11.06 0.58
N LEU A 93 -22.65 -10.73 0.34
CA LEU A 93 -22.16 -10.60 -1.04
C LEU A 93 -22.24 -11.94 -1.79
N ASP A 94 -21.96 -13.02 -1.07
CA ASP A 94 -22.01 -14.35 -1.66
C ASP A 94 -23.43 -14.64 -2.14
N GLN A 95 -24.42 -14.27 -1.33
CA GLN A 95 -25.82 -14.43 -1.74
C GLN A 95 -26.12 -13.59 -2.97
N ILE A 96 -25.66 -12.35 -2.97
CA ILE A 96 -25.91 -11.47 -4.11
C ILE A 96 -25.23 -12.00 -5.39
N TYR A 97 -24.01 -12.50 -5.23
CA TYR A 97 -23.28 -13.09 -6.34
C TYR A 97 -24.05 -14.25 -6.96
N ASN A 98 -24.60 -15.10 -6.11
CA ASN A 98 -25.22 -16.32 -6.62
C ASN A 98 -26.66 -16.14 -7.11
N GLN A 99 -27.33 -15.06 -6.72
CA GLN A 99 -28.68 -14.85 -7.21
C GLN A 99 -28.64 -14.15 -8.57
N ASN A 100 -27.49 -13.56 -8.89
CA ASN A 100 -27.22 -12.99 -10.21
C ASN A 100 -28.30 -11.98 -10.63
N SER A 101 -28.72 -11.14 -9.70
CA SER A 101 -29.70 -10.10 -9.97
C SER A 101 -29.13 -9.08 -10.94
N ASN A 102 -29.79 -8.96 -12.09
CA ASN A 102 -29.32 -8.11 -13.18
C ASN A 102 -30.46 -7.29 -13.76
N CYS A 103 -30.94 -6.32 -12.99
CA CYS A 103 -32.14 -5.58 -13.37
C CYS A 103 -32.17 -4.16 -12.79
N ASN A 104 -31.01 -3.55 -12.59
CA ASN A 104 -30.93 -2.29 -11.87
C ASN A 104 -30.37 -1.12 -12.67
N ASP A 105 -30.39 0.06 -12.05
CA ASP A 105 -29.83 1.27 -12.64
C ASP A 105 -28.29 1.25 -12.58
N LEU A 106 -27.68 2.28 -13.15
CA LEU A 106 -26.22 2.29 -13.25
C LEU A 106 -25.51 2.32 -11.89
N CYS A 107 -26.03 3.09 -10.92
CA CYS A 107 -25.39 3.27 -9.62
CA CYS A 107 -25.29 3.24 -9.67
C CYS A 107 -25.31 1.95 -8.85
N THR A 108 -26.45 1.27 -8.75
CA THR A 108 -26.50 -0.02 -8.07
C THR A 108 -25.68 -1.07 -8.83
N SER A 109 -25.74 -1.06 -10.16
CA SER A 109 -25.00 -2.04 -10.97
C SER A 109 -23.48 -1.88 -10.84
N ALA A 110 -23.00 -0.65 -10.93
CA ALA A 110 -21.57 -0.42 -10.83
C ALA A 110 -21.06 -0.75 -9.41
N LEU A 111 -21.87 -0.42 -8.39
CA LEU A 111 -21.49 -0.71 -7.01
C LEU A 111 -21.47 -2.22 -6.76
N GLN A 112 -22.51 -2.90 -7.21
CA GLN A 112 -22.60 -4.35 -7.16
C GLN A 112 -21.36 -4.99 -7.76
N PHE A 113 -20.95 -4.50 -8.93
CA PHE A 113 -19.81 -5.05 -9.63
C PHE A 113 -18.54 -4.83 -8.84
N ARG A 114 -18.35 -3.60 -8.34
CA ARG A 114 -17.11 -3.28 -7.63
C ARG A 114 -16.98 -4.06 -6.32
N LEU A 115 -18.04 -4.07 -5.50
CA LEU A 115 -17.96 -4.76 -4.21
C LEU A 115 -17.73 -6.25 -4.39
N LEU A 116 -18.41 -6.85 -5.37
CA LEU A 116 -18.24 -8.29 -5.58
C LEU A 116 -16.80 -8.59 -6.03
N ARG A 117 -16.32 -7.85 -7.01
CA ARG A 117 -14.96 -8.06 -7.51
C ARG A 117 -13.90 -7.81 -6.44
N GLN A 118 -14.10 -6.76 -5.61
CA GLN A 118 -13.11 -6.46 -4.58
C GLN A 118 -13.04 -7.60 -3.57
N HIS A 119 -14.13 -8.36 -3.46
CA HIS A 119 -14.18 -9.47 -2.52
C HIS A 119 -13.93 -10.82 -3.19
N GLY A 120 -13.55 -10.77 -4.46
CA GLY A 120 -13.09 -11.96 -5.17
C GLY A 120 -14.19 -12.75 -5.89
N PHE A 121 -15.40 -12.21 -5.91
CA PHE A 121 -16.51 -12.83 -6.61
C PHE A 121 -16.45 -12.39 -8.08
N ASN A 122 -16.28 -13.36 -8.97
CA ASN A 122 -16.04 -13.08 -10.39
C ASN A 122 -17.33 -12.74 -11.15
N ILE A 123 -18.04 -11.71 -10.71
CA ILE A 123 -19.27 -11.32 -11.39
C ILE A 123 -18.97 -10.90 -12.84
N SER A 124 -19.80 -11.36 -13.79
CA SER A 124 -19.58 -11.02 -15.18
C SER A 124 -19.70 -9.53 -15.43
N PRO A 125 -18.84 -8.98 -16.30
CA PRO A 125 -18.94 -7.58 -16.68
C PRO A 125 -20.09 -7.29 -17.67
N GLU A 126 -20.83 -8.31 -18.08
CA GLU A 126 -21.96 -8.11 -18.98
C GLU A 126 -23.11 -7.38 -18.29
N ILE A 127 -23.00 -7.22 -16.97
CA ILE A 127 -23.97 -6.41 -16.25
C ILE A 127 -23.99 -4.98 -16.81
N PHE A 128 -22.91 -4.55 -17.47
CA PHE A 128 -22.84 -3.20 -18.02
C PHE A 128 -23.36 -3.05 -19.46
N SER A 129 -23.71 -4.15 -20.11
CA SER A 129 -24.14 -4.09 -21.52
C SER A 129 -25.38 -3.23 -21.73
N LYS A 130 -26.36 -3.35 -20.83
CA LYS A 130 -27.59 -2.56 -20.95
C LYS A 130 -27.32 -1.04 -20.84
N PHE A 131 -26.12 -0.65 -20.41
CA PHE A 131 -25.78 0.78 -20.31
C PHE A 131 -24.95 1.26 -21.50
N GLN A 132 -24.76 0.39 -22.50
CA GLN A 132 -23.96 0.70 -23.67
C GLN A 132 -24.77 0.56 -24.95
N ASP A 133 -24.29 1.18 -26.02
CA ASP A 133 -24.94 1.03 -27.33
C ASP A 133 -24.43 -0.20 -28.08
N GLU A 134 -24.72 -0.28 -29.38
CA GLU A 134 -24.28 -1.39 -30.23
C GLU A 134 -22.76 -1.45 -30.33
N ASN A 135 -22.13 -0.28 -30.21
CA ASN A 135 -20.70 -0.09 -30.40
C ASN A 135 -19.87 -0.47 -29.17
N GLY A 136 -20.54 -0.78 -28.06
CA GLY A 136 -19.86 -1.07 -26.81
C GLY A 136 -19.47 0.19 -26.03
N LYS A 137 -19.95 1.33 -26.47
CA LYS A 137 -19.69 2.59 -25.80
C LYS A 137 -20.85 2.96 -24.88
N PHE A 138 -20.53 3.46 -23.69
CA PHE A 138 -21.55 3.87 -22.74
C PHE A 138 -22.47 4.92 -23.33
N LYS A 139 -23.77 4.77 -23.05
CA LYS A 139 -24.78 5.68 -23.56
C LYS A 139 -24.55 7.05 -22.98
N GLU A 140 -24.39 8.04 -23.85
CA GLU A 140 -24.11 9.37 -23.40
C GLU A 140 -25.30 9.95 -22.62
N SER A 141 -26.49 9.35 -22.78
CA SER A 141 -27.66 9.77 -22.03
C SER A 141 -27.50 9.58 -20.53
N LEU A 142 -26.52 8.78 -20.12
CA LEU A 142 -26.23 8.57 -18.70
C LEU A 142 -25.38 9.69 -18.10
N ALA A 143 -25.00 10.65 -18.94
CA ALA A 143 -24.07 11.68 -18.50
C ALA A 143 -24.66 12.61 -17.42
N SER A 144 -25.96 12.56 -17.17
CA SER A 144 -26.58 13.43 -16.16
C SER A 144 -26.96 12.67 -14.88
N ASP A 145 -26.48 11.43 -14.74
CA ASP A 145 -26.71 10.62 -13.55
C ASP A 145 -25.41 10.57 -12.75
N VAL A 146 -25.21 11.57 -11.90
CA VAL A 146 -23.92 11.74 -11.23
C VAL A 146 -23.57 10.59 -10.30
N LEU A 147 -24.56 10.04 -9.59
CA LEU A 147 -24.23 8.92 -8.70
C LEU A 147 -23.90 7.64 -9.49
N GLY A 148 -24.54 7.46 -10.64
CA GLY A 148 -24.17 6.38 -11.53
C GLY A 148 -22.75 6.55 -12.05
N LEU A 149 -22.42 7.78 -12.46
CA LEU A 149 -21.09 8.06 -12.99
C LEU A 149 -20.03 7.85 -11.94
N LEU A 150 -20.32 8.25 -10.71
CA LEU A 150 -19.35 8.12 -9.64
C LEU A 150 -19.08 6.65 -9.31
N ASN A 151 -20.12 5.81 -9.29
CA ASN A 151 -19.89 4.41 -8.97
C ASN A 151 -19.26 3.68 -10.16
N LEU A 152 -19.60 4.11 -11.37
CA LEU A 152 -18.97 3.55 -12.56
C LEU A 152 -17.48 3.86 -12.54
N TYR A 153 -17.15 5.11 -12.23
CA TYR A 153 -15.78 5.57 -12.08
C TYR A 153 -15.01 4.69 -11.13
N GLU A 154 -15.54 4.47 -9.92
CA GLU A 154 -14.83 3.65 -8.93
C GLU A 154 -14.71 2.21 -9.42
N ALA A 155 -15.74 1.73 -10.11
CA ALA A 155 -15.76 0.37 -10.60
C ALA A 155 -14.72 0.18 -11.70
N SER A 156 -14.43 1.23 -12.47
CA SER A 156 -13.53 1.11 -13.63
C SER A 156 -12.12 0.71 -13.20
N HIS A 157 -11.79 0.91 -11.93
CA HIS A 157 -10.44 0.63 -11.44
C HIS A 157 -10.26 -0.82 -10.96
N VAL A 158 -11.32 -1.63 -10.98
CA VAL A 158 -11.16 -3.03 -10.59
C VAL A 158 -11.19 -4.00 -11.76
N ARG A 159 -10.92 -3.53 -12.97
CA ARG A 159 -11.00 -4.47 -14.08
C ARG A 159 -9.82 -5.44 -14.13
N THR A 160 -10.08 -6.57 -14.78
CA THR A 160 -9.08 -7.57 -15.11
C THR A 160 -8.89 -7.51 -16.62
N HIS A 161 -8.11 -8.44 -17.16
CA HIS A 161 -7.95 -8.50 -18.61
C HIS A 161 -9.20 -9.02 -19.33
N ALA A 162 -10.12 -9.62 -18.58
CA ALA A 162 -11.33 -10.15 -19.21
C ALA A 162 -12.45 -9.11 -19.27
N ASP A 163 -12.18 -7.88 -18.87
CA ASP A 163 -13.21 -6.85 -18.77
C ASP A 163 -13.05 -5.71 -19.77
N ASP A 164 -12.69 -6.01 -21.01
CA ASP A 164 -12.54 -4.95 -22.01
C ASP A 164 -13.86 -4.24 -22.31
N ILE A 165 -14.99 -4.79 -21.87
CA ILE A 165 -16.26 -4.12 -22.03
C ILE A 165 -16.27 -2.81 -21.24
N LEU A 166 -15.42 -2.73 -20.22
CA LEU A 166 -15.28 -1.53 -19.40
C LEU A 166 -14.15 -0.60 -19.86
N GLU A 167 -13.62 -0.85 -21.05
CA GLU A 167 -12.46 -0.11 -21.56
C GLU A 167 -12.68 1.40 -21.59
N ASP A 168 -13.92 1.82 -21.79
CA ASP A 168 -14.30 3.21 -21.99
C ASP A 168 -14.79 3.88 -20.68
N ALA A 169 -15.04 3.05 -19.66
CA ALA A 169 -15.70 3.52 -18.43
C ALA A 169 -14.95 4.61 -17.70
N LEU A 170 -13.62 4.53 -17.64
CA LEU A 170 -12.84 5.51 -16.90
C LEU A 170 -12.90 6.86 -17.62
N ALA A 171 -12.64 6.87 -18.92
CA ALA A 171 -12.73 8.10 -19.71
C ALA A 171 -14.12 8.73 -19.68
N PHE A 172 -15.14 7.91 -19.90
CA PHE A 172 -16.54 8.37 -19.93
C PHE A 172 -16.96 9.04 -18.61
N SER A 173 -16.81 8.31 -17.52
CA SER A 173 -17.26 8.81 -16.22
C SER A 173 -16.41 10.00 -15.78
N THR A 174 -15.12 9.98 -16.10
CA THR A 174 -14.23 11.06 -15.72
C THR A 174 -14.67 12.37 -16.34
N ILE A 175 -14.90 12.38 -17.64
CA ILE A 175 -15.17 13.64 -18.32
C ILE A 175 -16.49 14.24 -17.86
N HIS A 176 -17.45 13.40 -17.52
CA HIS A 176 -18.75 13.92 -17.17
C HIS A 176 -18.81 14.25 -15.66
N LEU A 177 -18.02 13.57 -14.83
CA LEU A 177 -17.92 13.98 -13.43
C LEU A 177 -17.22 15.33 -13.31
N GLU A 178 -16.15 15.52 -14.08
CA GLU A 178 -15.46 16.83 -14.10
C GLU A 178 -16.43 17.95 -14.48
N SER A 179 -17.30 17.65 -15.43
CA SER A 179 -18.24 18.63 -15.93
C SER A 179 -19.30 18.96 -14.88
N ALA A 180 -19.76 17.96 -14.15
CA ALA A 180 -20.84 18.15 -13.20
C ALA A 180 -20.33 18.77 -11.90
N ALA A 181 -19.11 18.43 -11.51
CA ALA A 181 -18.61 18.70 -10.15
C ALA A 181 -18.86 20.12 -9.61
N PRO A 182 -18.53 21.18 -10.36
CA PRO A 182 -18.64 22.51 -9.75
C PRO A 182 -20.06 22.90 -9.28
N HIS A 183 -21.08 22.19 -9.73
CA HIS A 183 -22.45 22.60 -9.41
C HIS A 183 -23.13 21.65 -8.46
N LEU A 184 -22.40 20.62 -8.01
CA LEU A 184 -22.93 19.65 -7.07
C LEU A 184 -23.05 20.21 -5.64
N LYS A 185 -24.03 19.73 -4.88
CA LYS A 185 -24.17 20.08 -3.47
C LYS A 185 -23.07 19.39 -2.68
N SER A 186 -22.82 19.89 -1.48
CA SER A 186 -21.86 19.30 -0.56
C SER A 186 -22.56 18.35 0.41
N PRO A 187 -21.88 17.27 0.80
CA PRO A 187 -20.49 16.91 0.48
C PRO A 187 -20.27 16.08 -0.80
N LEU A 188 -21.31 15.89 -1.62
CA LEU A 188 -21.14 15.11 -2.86
C LEU A 188 -20.04 15.73 -3.73
N ARG A 189 -20.02 17.06 -3.81
CA ARG A 189 -19.04 17.71 -4.66
C ARG A 189 -17.62 17.34 -4.22
N GLU A 190 -17.37 17.39 -2.92
CA GLU A 190 -16.07 17.07 -2.37
C GLU A 190 -15.73 15.59 -2.58
N GLN A 191 -16.72 14.72 -2.45
CA GLN A 191 -16.51 13.31 -2.73
C GLN A 191 -16.13 13.06 -4.21
N VAL A 192 -16.85 13.69 -5.12
CA VAL A 192 -16.53 13.55 -6.55
C VAL A 192 -15.12 14.10 -6.85
N THR A 193 -14.87 15.32 -6.42
CA THR A 193 -13.58 15.96 -6.61
C THR A 193 -12.44 15.11 -6.04
N HIS A 194 -12.64 14.58 -4.85
CA HIS A 194 -11.65 13.70 -4.23
C HIS A 194 -11.45 12.41 -5.02
N ALA A 195 -12.54 11.75 -5.44
CA ALA A 195 -12.45 10.52 -6.23
C ALA A 195 -11.64 10.72 -7.53
N LEU A 196 -11.80 11.87 -8.18
CA LEU A 196 -11.05 12.14 -9.41
C LEU A 196 -9.54 12.26 -9.18
N GLU A 197 -9.13 12.62 -7.97
CA GLU A 197 -7.70 12.66 -7.61
C GLU A 197 -7.19 11.32 -7.09
N GLN A 198 -8.05 10.62 -6.35
CA GLN A 198 -7.69 9.37 -5.73
C GLN A 198 -8.87 8.40 -5.74
N CYS A 199 -8.84 7.39 -6.62
CA CYS A 199 -9.94 6.43 -6.59
C CYS A 199 -9.86 5.60 -5.32
N LEU A 200 -10.98 5.03 -4.91
CA LEU A 200 -11.05 4.25 -3.68
C LEU A 200 -10.21 2.97 -3.76
N HIS A 201 -10.34 2.20 -4.84
CA HIS A 201 -9.70 0.89 -4.93
C HIS A 201 -8.17 0.95 -4.80
N LYS A 202 -7.55 2.04 -5.27
CA LYS A 202 -6.10 2.16 -5.22
C LYS A 202 -5.57 3.07 -4.10
N GLY A 203 -6.44 3.50 -3.20
CA GLY A 203 -6.00 4.35 -2.09
C GLY A 203 -5.56 3.52 -0.90
N VAL A 204 -4.82 4.13 0.02
CA VAL A 204 -4.49 3.47 1.28
C VAL A 204 -5.75 3.48 2.16
N PRO A 205 -6.22 2.30 2.62
CA PRO A 205 -7.49 2.21 3.36
C PRO A 205 -7.62 3.20 4.54
N ARG A 206 -6.67 3.30 5.46
CA ARG A 206 -6.78 4.29 6.55
C ARG A 206 -6.88 5.71 6.03
N VAL A 207 -6.13 6.03 4.97
CA VAL A 207 -6.15 7.37 4.41
C VAL A 207 -7.52 7.71 3.85
N GLU A 208 -8.09 6.78 3.09
CA GLU A 208 -9.41 7.00 2.52
C GLU A 208 -10.48 6.99 3.60
N THR A 209 -10.34 6.10 4.58
CA THR A 209 -11.27 6.09 5.70
C THR A 209 -11.28 7.44 6.44
N ARG A 210 -10.10 7.99 6.73
CA ARG A 210 -10.04 9.25 7.46
C ARG A 210 -10.73 10.37 6.68
N PHE A 211 -10.47 10.45 5.38
CA PHE A 211 -11.16 11.41 4.53
C PHE A 211 -12.67 11.21 4.54
N PHE A 212 -13.13 9.98 4.31
CA PHE A 212 -14.57 9.73 4.22
C PHE A 212 -15.29 10.09 5.52
N ILE A 213 -14.78 9.60 6.66
CA ILE A 213 -15.42 9.92 7.93
C ILE A 213 -15.55 11.43 8.15
N SER A 214 -14.44 12.16 8.05
CA SER A 214 -14.41 13.58 8.42
C SER A 214 -14.93 14.54 7.36
N SER A 215 -14.60 14.32 6.10
CA SER A 215 -14.96 15.28 5.06
C SER A 215 -16.30 14.96 4.40
N ILE A 216 -16.69 13.69 4.41
CA ILE A 216 -17.91 13.31 3.70
C ILE A 216 -19.03 12.90 4.66
N TYR A 217 -18.90 11.73 5.30
CA TYR A 217 -20.01 11.14 6.02
C TYR A 217 -20.47 12.04 7.14
N ASP A 218 -19.54 12.70 7.81
CA ASP A 218 -19.86 13.65 8.87
C ASP A 218 -20.74 14.80 8.38
N LYS A 219 -20.69 15.07 7.07
CA LYS A 219 -21.43 16.22 6.54
C LYS A 219 -22.65 15.83 5.70
N GLU A 220 -22.93 14.53 5.61
CA GLU A 220 -24.09 14.04 4.86
C GLU A 220 -25.38 14.29 5.63
N GLN A 221 -26.38 14.85 4.96
CA GLN A 221 -27.69 15.08 5.57
C GLN A 221 -28.32 13.76 6.03
N SER A 222 -28.17 12.73 5.21
CA SER A 222 -28.77 11.42 5.45
C SER A 222 -27.91 10.44 6.28
N LYS A 223 -26.84 10.93 6.89
CA LYS A 223 -25.91 10.05 7.59
C LYS A 223 -26.60 9.26 8.70
N ASN A 224 -26.18 8.02 8.93
CA ASN A 224 -26.68 7.25 10.05
C ASN A 224 -25.80 7.56 11.27
N ASN A 225 -26.43 8.00 12.36
CA ASN A 225 -25.69 8.54 13.48
C ASN A 225 -24.98 7.44 14.23
N VAL A 226 -25.58 6.25 14.24
CA VAL A 226 -24.95 5.10 14.87
C VAL A 226 -23.64 4.75 14.14
N LEU A 227 -23.68 4.71 12.82
CA LEU A 227 -22.50 4.36 12.03
C LEU A 227 -21.42 5.43 12.14
N LEU A 228 -21.80 6.70 12.09
CA LEU A 228 -20.82 7.80 12.22
C LEU A 228 -20.11 7.74 13.58
N ARG A 229 -20.86 7.53 14.66
CA ARG A 229 -20.25 7.54 15.98
C ARG A 229 -19.34 6.34 16.13
N PHE A 230 -19.82 5.17 15.71
CA PHE A 230 -19.02 3.94 15.63
C PHE A 230 -17.71 4.21 14.86
N ALA A 231 -17.81 4.83 13.69
CA ALA A 231 -16.62 5.02 12.86
C ALA A 231 -15.59 5.92 13.51
N LYS A 232 -16.04 6.99 14.16
CA LYS A 232 -15.13 7.94 14.81
C LYS A 232 -14.44 7.32 16.04
N LEU A 233 -15.21 6.66 16.89
CA LEU A 233 -14.65 6.05 18.09
C LEU A 233 -13.64 4.97 17.72
N ASP A 234 -13.99 4.15 16.75
CA ASP A 234 -13.14 3.04 16.35
C ASP A 234 -11.85 3.58 15.74
N PHE A 235 -11.96 4.57 14.86
CA PHE A 235 -10.76 5.17 14.27
C PHE A 235 -9.84 5.77 15.35
N ASN A 236 -10.42 6.52 16.29
CA ASN A 236 -9.62 7.14 17.34
C ASN A 236 -9.06 6.10 18.31
N LEU A 237 -9.79 5.02 18.56
CA LEU A 237 -9.28 3.97 19.43
C LEU A 237 -8.09 3.25 18.77
N LEU A 238 -8.24 2.88 17.51
CA LEU A 238 -7.12 2.24 16.81
C LEU A 238 -5.93 3.19 16.69
N GLN A 239 -6.21 4.48 16.48
CA GLN A 239 -5.14 5.47 16.45
C GLN A 239 -4.28 5.43 17.72
N MET A 240 -4.90 5.20 18.89
CA MET A 240 -4.16 5.11 20.16
C MET A 240 -3.16 3.96 20.10
N LEU A 241 -3.61 2.83 19.56
CA LEU A 241 -2.73 1.69 19.36
C LEU A 241 -1.57 2.05 18.44
N HIS A 242 -1.89 2.72 17.34
CA HIS A 242 -0.88 3.06 16.35
C HIS A 242 0.17 3.97 16.94
N LYS A 243 -0.27 4.87 17.81
CA LYS A 243 0.65 5.80 18.44
C LYS A 243 1.56 5.07 19.43
N GLN A 244 1.01 4.08 20.15
CA GLN A 244 1.82 3.25 21.05
C GLN A 244 2.88 2.50 20.26
N GLU A 245 2.47 1.90 19.15
CA GLU A 245 3.40 1.15 18.32
C GLU A 245 4.50 2.08 17.81
N LEU A 246 4.10 3.24 17.29
CA LEU A 246 5.06 4.21 16.78
C LEU A 246 6.03 4.71 17.87
N ALA A 247 5.55 4.82 19.11
CA ALA A 247 6.42 5.21 20.20
C ALA A 247 7.42 4.11 20.49
N GLN A 248 6.93 2.88 20.49
CA GLN A 248 7.76 1.72 20.79
C GLN A 248 8.85 1.58 19.73
N VAL A 249 8.48 1.87 18.49
CA VAL A 249 9.41 1.82 17.36
C VAL A 249 10.35 3.03 17.35
N SER A 250 9.84 4.20 17.74
CA SER A 250 10.69 5.39 17.82
C SER A 250 11.78 5.18 18.87
N ARG A 251 11.43 4.50 19.96
CA ARG A 251 12.40 4.23 21.03
CA ARG A 251 12.35 4.16 21.05
C ARG A 251 13.44 3.21 20.55
N TRP A 252 13.00 2.20 19.83
CA TRP A 252 13.89 1.22 19.25
C TRP A 252 14.91 1.89 18.32
N TRP A 253 14.44 2.80 17.49
CA TRP A 253 15.28 3.50 16.52
C TRP A 253 16.27 4.43 17.21
N LYS A 254 15.81 5.06 18.29
CA LYS A 254 16.62 5.97 19.07
C LYS A 254 17.77 5.24 19.75
N ASP A 255 17.50 4.03 20.23
CA ASP A 255 18.50 3.24 20.96
C ASP A 255 19.49 2.56 20.02
N LEU A 256 19.26 2.66 18.71
CA LEU A 256 20.22 2.21 17.72
C LEU A 256 21.16 3.36 17.34
N ASP A 257 20.60 4.57 17.27
CA ASP A 257 21.37 5.81 17.13
C ASP A 257 22.17 5.89 15.83
N PHE A 258 21.57 5.45 14.74
CA PHE A 258 22.17 5.61 13.41
C PHE A 258 22.23 7.08 13.01
N VAL A 259 21.31 7.85 13.55
CA VAL A 259 21.23 9.29 13.29
C VAL A 259 22.55 10.00 13.55
N THR A 260 23.40 9.43 14.40
CA THR A 260 24.73 10.01 14.66
C THR A 260 25.91 9.12 14.22
N THR A 261 25.75 7.80 14.28
CA THR A 261 26.84 6.89 13.86
C THR A 261 26.82 6.65 12.35
N LEU A 262 25.65 6.66 11.74
CA LEU A 262 25.53 6.51 10.30
C LEU A 262 24.83 7.73 9.69
N PRO A 263 25.48 8.90 9.77
CA PRO A 263 24.84 10.18 9.47
C PRO A 263 24.55 10.40 7.98
N TYR A 264 25.07 9.53 7.13
CA TYR A 264 24.79 9.60 5.70
C TYR A 264 23.39 9.10 5.37
N ALA A 265 22.75 8.45 6.33
CA ALA A 265 21.51 7.75 6.06
C ALA A 265 20.26 8.56 6.44
N ARG A 266 19.23 8.41 5.62
CA ARG A 266 17.91 8.98 5.86
C ARG A 266 17.35 8.60 7.22
N ASP A 267 16.81 9.59 7.93
CA ASP A 267 16.12 9.38 9.19
C ASP A 267 14.60 9.42 8.98
N ARG A 268 13.99 8.25 8.75
CA ARG A 268 12.63 8.18 8.23
C ARG A 268 11.78 7.11 8.91
N VAL A 269 11.91 6.93 10.21
CA VAL A 269 11.21 5.83 10.84
C VAL A 269 9.71 6.10 10.91
N VAL A 270 9.31 7.38 10.95
CA VAL A 270 7.89 7.71 10.97
C VAL A 270 7.24 7.37 9.60
N GLU A 271 7.89 7.78 8.52
CA GLU A 271 7.45 7.42 7.18
C GLU A 271 7.43 5.89 6.98
N CYS A 272 8.43 5.20 7.53
CA CYS A 272 8.44 3.74 7.49
C CYS A 272 7.24 3.17 8.24
N TYR A 273 6.85 3.81 9.35
CA TYR A 273 5.70 3.32 10.10
C TYR A 273 4.41 3.53 9.30
N PHE A 274 4.29 4.68 8.64
CA PHE A 274 3.15 4.95 7.77
C PHE A 274 3.04 3.86 6.69
N TRP A 275 4.17 3.44 6.12
CA TRP A 275 4.21 2.35 5.14
CA TRP A 275 4.14 2.38 5.12
C TRP A 275 3.61 1.07 5.72
N ALA A 276 4.10 0.70 6.89
CA ALA A 276 3.65 -0.52 7.56
C ALA A 276 2.16 -0.44 7.90
N LEU A 277 1.70 0.78 8.24
CA LEU A 277 0.31 1.01 8.58
C LEU A 277 -0.60 0.87 7.37
N GLY A 278 -0.06 1.16 6.19
CA GLY A 278 -0.78 1.00 4.95
C GLY A 278 -0.96 -0.46 4.56
N VAL A 279 -0.01 -1.29 4.94
CA VAL A 279 -0.08 -2.73 4.68
C VAL A 279 -1.17 -3.41 5.52
N TYR A 280 -1.32 -2.98 6.77
CA TYR A 280 -2.43 -3.42 7.62
C TYR A 280 -2.57 -2.50 8.82
N PHE A 281 -3.81 -2.15 9.17
CA PHE A 281 -4.06 -1.21 10.25
C PHE A 281 -4.73 -1.88 11.44
N GLU A 282 -5.25 -3.09 11.24
CA GLU A 282 -6.07 -3.76 12.25
C GLU A 282 -5.27 -4.14 13.50
N PRO A 283 -5.96 -4.18 14.66
CA PRO A 283 -5.29 -4.48 15.92
C PRO A 283 -4.60 -5.85 15.94
N GLN A 284 -5.17 -6.86 15.28
CA GLN A 284 -4.57 -8.20 15.32
C GLN A 284 -3.23 -8.25 14.57
N TYR A 285 -2.91 -7.20 13.81
CA TYR A 285 -1.64 -7.17 13.09
C TYR A 285 -0.60 -6.26 13.74
N SER A 286 -0.79 -5.98 15.03
CA SER A 286 0.13 -5.11 15.77
C SER A 286 1.58 -5.61 15.73
N GLN A 287 1.79 -6.88 16.07
CA GLN A 287 3.11 -7.47 16.06
C GLN A 287 3.72 -7.48 14.65
N ALA A 288 2.88 -7.77 13.66
CA ALA A 288 3.32 -7.79 12.26
C ALA A 288 3.76 -6.40 11.79
N ARG A 289 3.01 -5.37 12.17
CA ARG A 289 3.36 -3.99 11.80
C ARG A 289 4.71 -3.58 12.38
N VAL A 290 4.94 -3.89 13.65
CA VAL A 290 6.17 -3.47 14.30
C VAL A 290 7.38 -4.20 13.69
N MET A 291 7.23 -5.50 13.41
CA MET A 291 8.28 -6.25 12.71
C MET A 291 8.56 -5.65 11.33
N LEU A 292 7.50 -5.33 10.61
CA LEU A 292 7.61 -4.81 9.25
C LEU A 292 8.34 -3.46 9.23
N VAL A 293 7.96 -2.55 10.13
CA VAL A 293 8.56 -1.22 10.07
C VAL A 293 10.06 -1.28 10.41
N LYS A 294 10.46 -2.21 11.28
CA LYS A 294 11.86 -2.36 11.63
C LYS A 294 12.66 -2.82 10.41
N THR A 295 12.06 -3.66 9.58
CA THR A 295 12.70 -4.12 8.35
C THR A 295 12.78 -3.02 7.30
N ILE A 296 11.71 -2.24 7.14
CA ILE A 296 11.76 -1.15 6.18
C ILE A 296 12.84 -0.13 6.58
N SER A 297 12.91 0.16 7.88
CA SER A 297 13.91 1.09 8.41
C SER A 297 15.32 0.60 8.11
N MET A 298 15.55 -0.68 8.36
CA MET A 298 16.88 -1.26 8.26
C MET A 298 17.32 -1.42 6.80
N ILE A 299 16.41 -1.83 5.91
CA ILE A 299 16.80 -1.97 4.50
C ILE A 299 17.01 -0.59 3.87
N SER A 300 16.33 0.42 4.41
CA SER A 300 16.57 1.80 3.99
C SER A 300 18.01 2.23 4.30
N ILE A 301 18.53 1.84 5.45
CA ILE A 301 19.92 2.11 5.82
C ILE A 301 20.89 1.47 4.84
N VAL A 302 20.63 0.19 4.55
CA VAL A 302 21.43 -0.57 3.62
C VAL A 302 21.41 0.08 2.25
N ASP A 303 20.22 0.49 1.82
CA ASP A 303 20.09 1.18 0.53
C ASP A 303 20.94 2.43 0.47
N ASP A 304 20.90 3.23 1.53
CA ASP A 304 21.71 4.45 1.57
C ASP A 304 23.21 4.14 1.60
N THR A 305 23.57 2.99 2.17
CA THR A 305 24.97 2.57 2.20
C THR A 305 25.46 2.28 0.78
N PHE A 306 24.64 1.61 -0.01
CA PHE A 306 24.96 1.36 -1.42
C PHE A 306 24.89 2.62 -2.30
N ASP A 307 23.96 3.50 -1.98
CA ASP A 307 23.60 4.63 -2.84
C ASP A 307 24.36 5.90 -2.58
N ALA A 308 24.81 6.09 -1.35
CA ALA A 308 25.27 7.41 -0.95
C ALA A 308 26.42 7.40 0.03
N TYR A 309 27.17 6.31 0.12
CA TYR A 309 28.35 6.35 0.99
C TYR A 309 29.45 5.37 0.61
N GLY A 310 29.10 4.09 0.54
CA GLY A 310 30.08 3.06 0.32
C GLY A 310 30.83 3.12 -1.00
N THR A 311 32.09 2.70 -0.96
CA THR A 311 32.90 2.53 -2.16
C THR A 311 32.66 1.15 -2.74
N VAL A 312 33.03 0.95 -4.01
CA VAL A 312 32.83 -0.33 -4.68
C VAL A 312 33.43 -1.49 -3.89
N LYS A 313 34.68 -1.33 -3.46
CA LYS A 313 35.37 -2.32 -2.65
C LYS A 313 34.59 -2.63 -1.34
N GLU A 314 34.18 -1.59 -0.62
CA GLU A 314 33.39 -1.80 0.61
C GLU A 314 32.06 -2.52 0.33
N LEU A 315 31.41 -2.18 -0.77
CA LEU A 315 30.10 -2.75 -1.05
C LEU A 315 30.24 -4.24 -1.40
N GLU A 316 31.35 -4.61 -2.04
CA GLU A 316 31.65 -6.00 -2.31
C GLU A 316 31.72 -6.81 -1.02
N ALA A 317 32.53 -6.36 -0.08
CA ALA A 317 32.67 -7.03 1.20
C ALA A 317 31.33 -7.08 1.93
N TYR A 318 30.62 -5.97 1.95
CA TYR A 318 29.30 -5.92 2.57
C TYR A 318 28.35 -6.96 1.95
N THR A 319 28.31 -7.00 0.63
CA THR A 319 27.46 -7.96 -0.08
C THR A 319 27.81 -9.40 0.27
N ASP A 320 29.10 -9.75 0.20
CA ASP A 320 29.49 -11.10 0.54
C ASP A 320 29.22 -11.44 2.01
N ALA A 321 29.45 -10.49 2.91
CA ALA A 321 29.15 -10.73 4.31
C ALA A 321 27.67 -11.06 4.52
N ILE A 322 26.80 -10.37 3.80
CA ILE A 322 25.35 -10.61 3.90
C ILE A 322 24.97 -12.01 3.40
N GLN A 323 25.59 -12.45 2.30
CA GLN A 323 25.35 -13.80 1.78
C GLN A 323 25.73 -14.90 2.80
N ARG A 324 26.85 -14.72 3.49
CA ARG A 324 27.29 -15.71 4.48
C ARG A 324 26.54 -15.60 5.83
N TRP A 325 26.08 -14.40 6.18
CA TRP A 325 25.19 -14.20 7.33
C TRP A 325 25.73 -14.84 8.60
N ASP A 326 26.84 -14.31 9.10
CA ASP A 326 27.49 -14.88 10.27
C ASP A 326 28.21 -13.76 10.98
N ILE A 327 28.08 -13.70 12.29
CA ILE A 327 28.70 -12.62 13.04
C ILE A 327 30.24 -12.68 12.90
N ASN A 328 30.79 -13.83 12.55
CA ASN A 328 32.24 -13.95 12.27
C ASN A 328 32.76 -12.97 11.22
N GLU A 329 31.86 -12.54 10.35
CA GLU A 329 32.24 -11.79 9.15
C GLU A 329 32.47 -10.31 9.38
N ILE A 330 32.08 -9.79 10.55
CA ILE A 330 32.13 -8.36 10.82
C ILE A 330 33.53 -7.76 10.66
N ASP A 331 34.56 -8.58 10.87
CA ASP A 331 35.92 -8.08 10.88
C ASP A 331 36.44 -7.77 9.48
N ARG A 332 35.82 -8.35 8.47
CA ARG A 332 36.15 -8.06 7.08
C ARG A 332 35.61 -6.70 6.63
N LEU A 333 34.80 -6.09 7.49
CA LEU A 333 34.07 -4.87 7.12
C LEU A 333 34.66 -3.62 7.79
N PRO A 334 34.55 -2.47 7.12
CA PRO A 334 34.92 -1.18 7.73
C PRO A 334 34.06 -0.94 8.97
N ASP A 335 34.57 -0.15 9.91
CA ASP A 335 33.89 0.08 11.18
C ASP A 335 32.43 0.47 10.99
N TYR A 336 32.18 1.39 10.07
CA TYR A 336 30.85 1.95 9.91
C TYR A 336 29.87 0.90 9.35
N MET A 337 30.38 -0.08 8.61
CA MET A 337 29.55 -1.16 8.08
C MET A 337 29.30 -2.23 9.13
N LYS A 338 30.25 -2.39 10.06
CA LYS A 338 30.07 -3.25 11.23
C LYS A 338 28.79 -2.89 11.97
N ILE A 339 28.47 -1.59 11.99
CA ILE A 339 27.34 -1.11 12.75
C ILE A 339 26.02 -1.63 12.17
N SER A 340 25.81 -1.43 10.88
CA SER A 340 24.56 -1.87 10.27
C SER A 340 24.47 -3.40 10.22
N TYR A 341 25.60 -4.05 9.94
CA TYR A 341 25.62 -5.50 9.79
C TYR A 341 25.25 -6.23 11.09
N LYS A 342 25.84 -5.82 12.22
CA LYS A 342 25.45 -6.40 13.49
C LYS A 342 23.99 -6.08 13.79
N ALA A 343 23.58 -4.86 13.53
CA ALA A 343 22.18 -4.47 13.77
C ALA A 343 21.21 -5.34 12.95
N ILE A 344 21.57 -5.64 11.71
CA ILE A 344 20.75 -6.49 10.85
C ILE A 344 20.66 -7.90 11.42
N LEU A 345 21.81 -8.48 11.76
CA LEU A 345 21.86 -9.82 12.29
C LEU A 345 21.06 -9.92 13.59
N ASP A 346 21.26 -8.95 14.50
CA ASP A 346 20.51 -8.91 15.75
C ASP A 346 19.00 -8.77 15.55
N LEU A 347 18.58 -7.98 14.56
CA LEU A 347 17.15 -7.78 14.32
C LEU A 347 16.49 -9.12 14.03
N TYR A 348 17.13 -9.92 13.20
CA TYR A 348 16.57 -11.22 12.82
C TYR A 348 16.65 -12.22 13.96
N LYS A 349 17.64 -12.07 14.84
CA LYS A 349 17.65 -12.86 16.06
C LYS A 349 16.48 -12.46 16.96
N ASP A 350 16.18 -11.16 17.03
CA ASP A 350 15.00 -10.69 17.79
C ASP A 350 13.69 -11.26 17.23
N TYR A 351 13.57 -11.28 15.91
CA TYR A 351 12.37 -11.83 15.26
C TYR A 351 12.16 -13.29 15.63
N GLU A 352 13.25 -14.07 15.61
CA GLU A 352 13.20 -15.47 15.98
C GLU A 352 12.73 -15.64 17.42
N LYS A 353 13.28 -14.83 18.31
CA LYS A 353 12.91 -14.89 19.73
C LYS A 353 11.44 -14.54 19.96
N GLU A 354 11.01 -13.49 19.27
CA GLU A 354 9.67 -12.95 19.39
C GLU A 354 8.62 -13.92 18.80
N LEU A 355 9.06 -14.78 17.89
CA LEU A 355 8.17 -15.75 17.24
C LEU A 355 8.26 -17.12 17.90
N SER A 356 9.05 -17.20 18.96
CA SER A 356 9.41 -18.50 19.55
C SER A 356 8.28 -19.18 20.30
N SER A 357 7.50 -18.42 21.06
CA SER A 357 6.42 -19.00 21.85
C SER A 357 5.29 -19.52 20.97
N ALA A 358 5.17 -18.96 19.77
CA ALA A 358 4.15 -19.41 18.84
C ALA A 358 4.68 -20.55 17.95
N GLY A 359 5.89 -21.01 18.23
CA GLY A 359 6.51 -22.07 17.45
C GLY A 359 6.73 -21.70 15.99
N ARG A 360 6.85 -20.41 15.71
CA ARG A 360 6.98 -19.93 14.33
C ARG A 360 8.36 -19.33 13.99
N SER A 361 9.38 -19.61 14.80
CA SER A 361 10.71 -19.03 14.59
C SER A 361 11.33 -19.40 13.23
N HIS A 362 11.08 -20.63 12.80
CA HIS A 362 11.67 -21.19 11.60
C HIS A 362 11.34 -20.45 10.30
N ILE A 363 10.31 -19.61 10.32
CA ILE A 363 9.89 -18.94 9.09
C ILE A 363 10.71 -17.68 8.81
N VAL A 364 11.49 -17.23 9.79
CA VAL A 364 12.28 -16.02 9.60
C VAL A 364 13.27 -16.17 8.42
N CYS A 365 13.75 -17.39 8.18
CA CYS A 365 14.70 -17.62 7.08
C CYS A 365 14.16 -17.20 5.71
N HIS A 366 12.84 -17.18 5.53
CA HIS A 366 12.26 -16.78 4.25
C HIS A 366 12.54 -15.31 3.97
N ALA A 367 12.34 -14.46 4.97
CA ALA A 367 12.69 -13.05 4.84
C ALA A 367 14.21 -12.85 4.70
N ILE A 368 14.99 -13.64 5.42
CA ILE A 368 16.44 -13.52 5.35
C ILE A 368 16.92 -13.77 3.92
N GLU A 369 16.38 -14.82 3.29
CA GLU A 369 16.77 -15.15 1.92
C GLU A 369 16.39 -14.03 0.94
N ARG A 370 15.24 -13.39 1.16
CA ARG A 370 14.83 -12.29 0.32
C ARG A 370 15.70 -11.05 0.52
N MET A 371 16.15 -10.83 1.75
CA MET A 371 17.05 -9.71 2.00
C MET A 371 18.38 -9.93 1.28
N LYS A 372 18.90 -11.15 1.35
CA LYS A 372 20.15 -11.47 0.64
C LYS A 372 20.02 -11.15 -0.85
N GLU A 373 18.87 -11.50 -1.43
CA GLU A 373 18.55 -11.19 -2.82
C GLU A 373 18.57 -9.70 -3.11
N VAL A 374 17.95 -8.91 -2.24
CA VAL A 374 17.95 -7.46 -2.39
C VAL A 374 19.38 -6.91 -2.42
N VAL A 375 20.22 -7.41 -1.52
CA VAL A 375 21.58 -6.92 -1.39
C VAL A 375 22.43 -7.34 -2.57
N ARG A 376 22.27 -8.57 -3.06
CA ARG A 376 22.96 -8.99 -4.29
C ARG A 376 22.64 -8.02 -5.42
N ASN A 377 21.37 -7.63 -5.54
CA ASN A 377 20.97 -6.82 -6.66
C ASN A 377 21.35 -5.35 -6.47
N TYR A 378 21.40 -4.89 -5.21
CA TYR A 378 22.00 -3.60 -4.90
C TYR A 378 23.43 -3.50 -5.45
N ASN A 379 24.21 -4.55 -5.24
CA ASN A 379 25.59 -4.57 -5.66
C ASN A 379 25.71 -4.58 -7.19
N VAL A 380 24.85 -5.34 -7.85
CA VAL A 380 24.79 -5.31 -9.31
C VAL A 380 24.51 -3.89 -9.83
N GLU A 381 23.52 -3.25 -9.21
CA GLU A 381 23.13 -1.88 -9.55
C GLU A 381 24.31 -0.90 -9.40
N SER A 382 25.08 -1.08 -8.33
CA SER A 382 26.30 -0.29 -8.12
C SER A 382 27.32 -0.55 -9.21
N THR A 383 27.50 -1.82 -9.57
CA THR A 383 28.45 -2.17 -10.62
C THR A 383 28.06 -1.52 -11.94
N TRP A 384 26.78 -1.60 -12.29
CA TRP A 384 26.27 -0.93 -13.48
C TRP A 384 26.54 0.56 -13.51
N PHE A 385 26.32 1.25 -12.39
CA PHE A 385 26.56 2.69 -12.32
C PHE A 385 28.03 3.01 -12.56
N ILE A 386 28.91 2.30 -11.87
CA ILE A 386 30.35 2.54 -12.00
C ILE A 386 30.89 2.26 -13.41
N GLU A 387 30.37 1.23 -14.07
CA GLU A 387 30.76 0.88 -15.45
C GLU A 387 30.11 1.77 -16.51
N GLY A 388 29.06 2.50 -16.12
CA GLY A 388 28.31 3.30 -17.07
C GLY A 388 27.53 2.42 -18.03
N TYR A 389 27.00 1.34 -17.50
CA TYR A 389 26.29 0.36 -18.29
C TYR A 389 24.80 0.67 -18.40
N THR A 390 24.26 0.58 -19.62
CA THR A 390 22.82 0.70 -19.81
C THR A 390 22.25 -0.59 -20.42
N PRO A 391 21.77 -1.49 -19.55
CA PRO A 391 21.19 -2.77 -19.95
C PRO A 391 19.90 -2.61 -20.77
N PRO A 392 19.55 -3.61 -21.58
CA PRO A 392 18.20 -3.67 -22.16
C PRO A 392 17.14 -3.81 -21.06
N VAL A 393 15.88 -3.54 -21.38
CA VAL A 393 14.83 -3.50 -20.36
C VAL A 393 14.70 -4.84 -19.64
N SER A 394 14.74 -5.93 -20.40
CA SER A 394 14.57 -7.26 -19.81
C SER A 394 15.67 -7.51 -18.76
N GLU A 395 16.91 -7.19 -19.11
CA GLU A 395 18.01 -7.34 -18.17
C GLU A 395 17.88 -6.33 -17.02
N TYR A 396 17.49 -5.09 -17.33
CA TYR A 396 17.26 -4.11 -16.26
C TYR A 396 16.27 -4.64 -15.23
N LEU A 397 15.14 -5.14 -15.71
CA LEU A 397 14.09 -5.64 -14.84
C LEU A 397 14.51 -6.86 -14.04
N SER A 398 15.27 -7.77 -14.68
CA SER A 398 15.73 -8.96 -13.96
C SER A 398 16.46 -8.57 -12.66
N ASN A 399 17.12 -7.42 -12.66
CA ASN A 399 17.81 -6.95 -11.46
C ASN A 399 16.99 -5.98 -10.63
N ALA A 400 16.36 -5.02 -11.28
CA ALA A 400 15.78 -3.88 -10.59
C ALA A 400 14.41 -4.16 -9.99
N LEU A 401 13.79 -5.29 -10.30
CA LEU A 401 12.52 -5.59 -9.64
C LEU A 401 12.75 -5.84 -8.15
N ALA A 402 13.75 -6.65 -7.81
CA ALA A 402 14.05 -6.96 -6.41
C ALA A 402 14.53 -5.73 -5.64
N THR A 403 15.19 -4.79 -6.30
CA THR A 403 15.69 -3.59 -5.60
C THR A 403 14.57 -2.63 -5.20
N THR A 404 13.33 -2.93 -5.60
CA THR A 404 12.17 -2.20 -5.04
C THR A 404 12.00 -2.56 -3.57
N THR A 405 12.60 -3.68 -3.18
CA THR A 405 12.46 -4.35 -1.88
C THR A 405 11.10 -5.02 -1.71
N TYR A 406 10.25 -4.97 -2.74
CA TYR A 406 8.86 -5.40 -2.55
C TYR A 406 8.68 -6.91 -2.39
N TYR A 407 9.53 -7.75 -2.99
CA TYR A 407 9.46 -9.20 -2.69
C TYR A 407 9.78 -9.43 -1.21
N TYR A 408 10.80 -8.71 -0.77
CA TYR A 408 11.28 -8.72 0.60
C TYR A 408 10.25 -8.20 1.63
N LEU A 409 9.62 -7.07 1.33
CA LEU A 409 8.61 -6.51 2.24
C LEU A 409 7.36 -7.38 2.33
N ALA A 410 6.92 -7.92 1.20
CA ALA A 410 5.76 -8.81 1.21
C ALA A 410 6.06 -10.03 2.08
N THR A 411 7.26 -10.56 1.95
CA THR A 411 7.67 -11.71 2.72
C THR A 411 7.73 -11.35 4.19
N THR A 412 8.27 -10.17 4.46
CA THR A 412 8.38 -9.66 5.82
C THR A 412 7.00 -9.45 6.44
N SER A 413 6.03 -9.04 5.63
CA SER A 413 4.71 -8.74 6.16
C SER A 413 4.02 -9.97 6.73
N TYR A 414 4.44 -11.16 6.28
CA TYR A 414 3.87 -12.40 6.79
C TYR A 414 4.42 -12.82 8.15
N LEU A 415 5.62 -12.35 8.52
CA LEU A 415 6.30 -12.84 9.72
C LEU A 415 5.43 -12.76 10.96
N GLY A 416 4.78 -11.61 11.15
CA GLY A 416 4.01 -11.38 12.36
C GLY A 416 2.57 -11.82 12.25
N MET A 417 2.19 -12.33 11.07
CA MET A 417 0.83 -12.81 10.89
C MET A 417 0.72 -14.22 11.43
N LYS A 418 -0.04 -14.36 12.51
CA LYS A 418 -0.10 -15.59 13.30
C LYS A 418 -0.56 -16.79 12.48
N SER A 419 -1.40 -16.55 11.47
CA SER A 419 -1.97 -17.65 10.72
C SER A 419 -1.17 -18.00 9.45
N ALA A 420 -0.09 -17.26 9.20
CA ALA A 420 0.76 -17.57 8.03
C ALA A 420 1.52 -18.86 8.26
N THR A 421 1.41 -19.79 7.31
CA THR A 421 2.06 -21.09 7.44
C THR A 421 3.21 -21.25 6.43
N GLU A 422 3.93 -22.35 6.57
CA GLU A 422 5.05 -22.65 5.68
C GLU A 422 4.59 -22.70 4.23
N GLN A 423 3.39 -23.23 4.00
CA GLN A 423 2.85 -23.33 2.65
C GLN A 423 2.56 -21.95 2.06
N ASP A 424 2.16 -21.00 2.90
CA ASP A 424 1.98 -19.61 2.46
C ASP A 424 3.33 -19.02 2.00
N PHE A 425 4.39 -19.20 2.80
CA PHE A 425 5.72 -18.71 2.41
C PHE A 425 6.23 -19.40 1.15
N GLU A 426 5.92 -20.68 1.00
CA GLU A 426 6.33 -21.45 -0.18
C GLU A 426 5.69 -20.89 -1.45
N TRP A 427 4.40 -20.59 -1.37
CA TRP A 427 3.71 -19.98 -2.51
C TRP A 427 4.33 -18.63 -2.87
N LEU A 428 4.64 -17.83 -1.85
CA LEU A 428 5.23 -16.51 -2.09
C LEU A 428 6.66 -16.60 -2.64
N SER A 429 7.41 -17.62 -2.23
CA SER A 429 8.77 -17.77 -2.72
C SER A 429 8.83 -18.04 -4.24
N LYS A 430 7.72 -18.43 -4.84
CA LYS A 430 7.73 -18.77 -6.26
C LYS A 430 7.44 -17.56 -7.14
N ASN A 431 7.45 -16.37 -6.53
CA ASN A 431 7.11 -15.14 -7.23
C ASN A 431 5.75 -15.24 -7.94
N PRO A 432 4.67 -15.41 -7.18
CA PRO A 432 3.38 -15.54 -7.89
C PRO A 432 3.04 -14.23 -8.60
N LYS A 433 2.16 -14.36 -9.58
CA LYS A 433 1.74 -13.28 -10.46
C LYS A 433 1.30 -12.01 -9.70
N ILE A 434 0.50 -12.18 -8.66
CA ILE A 434 -0.02 -11.01 -7.97
C ILE A 434 1.13 -10.27 -7.27
N LEU A 435 2.10 -11.02 -6.75
CA LEU A 435 3.26 -10.39 -6.13
C LEU A 435 4.10 -9.67 -7.20
N GLU A 436 4.30 -10.32 -8.33
CA GLU A 436 5.11 -9.77 -9.41
C GLU A 436 4.50 -8.46 -9.90
N ALA A 437 3.18 -8.42 -9.98
CA ALA A 437 2.46 -7.24 -10.45
C ALA A 437 2.70 -6.08 -9.48
N SER A 438 2.56 -6.37 -8.19
CA SER A 438 2.78 -5.35 -7.16
C SER A 438 4.21 -4.78 -7.25
N VAL A 439 5.18 -5.68 -7.43
CA VAL A 439 6.57 -5.29 -7.59
C VAL A 439 6.77 -4.42 -8.85
N ILE A 440 6.15 -4.83 -9.95
CA ILE A 440 6.22 -4.07 -11.20
C ILE A 440 5.64 -2.66 -11.06
N ILE A 441 4.52 -2.56 -10.37
CA ILE A 441 3.91 -1.26 -10.13
C ILE A 441 4.87 -0.35 -9.37
N CYS A 442 5.48 -0.86 -8.30
CA CYS A 442 6.45 -0.08 -7.56
C CYS A 442 7.61 0.35 -8.47
N ARG A 443 8.13 -0.60 -9.25
CA ARG A 443 9.30 -0.30 -10.10
C ARG A 443 9.02 0.80 -11.12
N VAL A 444 7.94 0.66 -11.90
CA VAL A 444 7.74 1.58 -13.02
C VAL A 444 7.27 2.95 -12.54
N ILE A 445 6.55 2.99 -11.42
CA ILE A 445 6.06 4.26 -10.92
C ILE A 445 7.20 5.05 -10.31
N ASP A 446 8.05 4.37 -9.54
CA ASP A 446 9.24 5.04 -9.02
C ASP A 446 10.18 5.48 -10.15
N ASP A 447 10.35 4.63 -11.17
CA ASP A 447 11.22 5.00 -12.30
C ASP A 447 10.72 6.21 -13.07
N THR A 448 9.40 6.34 -13.17
CA THR A 448 8.78 7.46 -13.87
C THR A 448 8.98 8.75 -13.06
N ALA A 449 8.89 8.61 -11.75
CA ALA A 449 8.95 9.74 -10.84
C ALA A 449 10.37 10.18 -10.52
N THR A 450 11.30 9.22 -10.46
CA THR A 450 12.66 9.55 -10.06
C THR A 450 13.65 9.56 -11.23
N TYR A 451 13.14 9.48 -12.46
CA TYR A 451 14.00 9.48 -13.63
C TYR A 451 14.91 10.71 -13.70
N GLU A 452 14.32 11.89 -13.59
CA GLU A 452 15.06 13.14 -13.78
C GLU A 452 16.21 13.32 -12.78
N VAL A 453 15.92 13.09 -11.50
CA VAL A 453 16.93 13.14 -10.46
C VAL A 453 18.08 12.18 -10.75
N GLU A 454 17.75 10.90 -10.90
CA GLU A 454 18.76 9.87 -11.14
C GLU A 454 19.61 10.17 -12.38
N LYS A 455 18.97 10.70 -13.42
CA LYS A 455 19.66 11.11 -14.64
C LYS A 455 20.70 12.21 -14.35
N SER A 456 20.36 13.09 -13.43
CA SER A 456 21.24 14.18 -13.01
C SER A 456 22.44 13.67 -12.24
N ARG A 457 22.26 12.56 -11.54
CA ARG A 457 23.31 11.99 -10.71
C ARG A 457 24.20 11.05 -11.51
N GLY A 458 23.92 10.93 -12.82
CA GLY A 458 24.71 10.09 -13.71
C GLY A 458 24.28 8.63 -13.75
N GLN A 459 23.11 8.33 -13.19
CA GLN A 459 22.65 6.94 -13.11
C GLN A 459 21.99 6.53 -14.42
N ILE A 460 22.85 6.15 -15.37
CA ILE A 460 22.46 5.84 -16.74
C ILE A 460 21.78 4.48 -16.90
N ALA A 461 21.73 3.71 -15.82
CA ALA A 461 21.04 2.44 -15.83
C ALA A 461 19.68 2.54 -15.13
N THR A 462 19.10 3.75 -15.11
CA THR A 462 17.77 3.93 -14.55
C THR A 462 16.73 3.43 -15.56
N GLY A 463 15.59 2.97 -15.08
CA GLY A 463 14.60 2.31 -15.91
C GLY A 463 14.18 2.99 -17.21
N ILE A 464 13.76 4.25 -17.12
CA ILE A 464 13.32 4.98 -18.30
C ILE A 464 14.46 5.11 -19.34
N GLU A 465 15.69 5.26 -18.86
CA GLU A 465 16.84 5.39 -19.76
C GLU A 465 17.08 4.06 -20.52
N CYS A 466 17.04 2.96 -19.79
CA CYS A 466 17.11 1.64 -20.38
C CYS A 466 16.03 1.48 -21.44
N CYS A 467 14.82 1.95 -21.13
CA CYS A 467 13.69 1.86 -22.03
C CYS A 467 13.90 2.68 -23.30
N MET A 468 14.32 3.93 -23.14
CA MET A 468 14.62 4.80 -24.27
C MET A 468 15.67 4.19 -25.19
N ARG A 469 16.77 3.70 -24.61
CA ARG A 469 17.87 3.16 -25.40
C ARG A 469 17.47 1.85 -26.07
N ASP A 470 16.83 0.95 -25.33
CA ASP A 470 16.39 -0.33 -25.87
C ASP A 470 15.48 -0.18 -27.10
N TYR A 471 14.33 0.50 -26.93
CA TYR A 471 13.33 0.60 -27.98
C TYR A 471 13.56 1.74 -28.98
N GLY A 472 14.53 2.60 -28.70
CA GLY A 472 14.83 3.74 -29.56
C GLY A 472 13.75 4.81 -29.56
N ILE A 473 13.16 5.06 -28.39
CA ILE A 473 12.03 5.98 -28.24
C ILE A 473 12.35 7.14 -27.28
N SER A 474 11.51 8.17 -27.28
CA SER A 474 11.74 9.36 -26.45
C SER A 474 11.40 9.10 -24.99
N THR A 475 11.76 10.06 -24.13
CA THR A 475 11.47 9.95 -22.70
C THR A 475 9.97 9.85 -22.47
N LYS A 476 9.21 10.62 -23.24
CA LYS A 476 7.75 10.62 -23.16
C LYS A 476 7.17 9.26 -23.51
N GLU A 477 7.61 8.71 -24.63
CA GLU A 477 7.13 7.41 -25.09
C GLU A 477 7.52 6.30 -24.12
N ALA A 478 8.69 6.43 -23.52
CA ALA A 478 9.15 5.43 -22.55
C ALA A 478 8.30 5.48 -21.29
N MET A 479 7.94 6.69 -20.87
CA MET A 479 7.09 6.85 -19.69
C MET A 479 5.69 6.32 -20.00
N ALA A 480 5.22 6.53 -21.23
CA ALA A 480 3.91 5.96 -21.60
C ALA A 480 3.97 4.44 -21.54
N LYS A 481 5.08 3.85 -21.99
CA LYS A 481 5.20 2.40 -21.99
C LYS A 481 5.26 1.85 -20.56
N PHE A 482 5.92 2.57 -19.67
CA PHE A 482 5.97 2.16 -18.26
C PHE A 482 4.59 2.30 -17.62
N GLN A 483 3.85 3.34 -18.02
CA GLN A 483 2.48 3.51 -17.53
C GLN A 483 1.61 2.31 -17.94
N ASN A 484 1.76 1.85 -19.17
CA ASN A 484 1.03 0.66 -19.63
C ASN A 484 1.37 -0.57 -18.81
N MET A 485 2.65 -0.69 -18.44
CA MET A 485 3.08 -1.81 -17.63
C MET A 485 2.35 -1.77 -16.28
N ALA A 486 2.21 -0.58 -15.70
CA ALA A 486 1.50 -0.44 -14.43
C ALA A 486 0.02 -0.82 -14.58
N GLU A 487 -0.60 -0.41 -15.68
CA GLU A 487 -2.03 -0.72 -15.88
C GLU A 487 -2.26 -2.21 -16.06
N THR A 488 -1.36 -2.86 -16.79
CA THR A 488 -1.39 -4.29 -16.98
C THR A 488 -1.23 -4.99 -15.65
N ALA A 489 -0.30 -4.49 -14.84
CA ALA A 489 -0.04 -5.08 -13.52
C ALA A 489 -1.25 -4.95 -12.57
N TRP A 490 -1.94 -3.81 -12.62
CA TRP A 490 -3.16 -3.64 -11.84
C TRP A 490 -4.24 -4.65 -12.25
N LYS A 491 -4.38 -4.90 -13.55
CA LYS A 491 -5.33 -5.91 -14.00
C LYS A 491 -4.95 -7.28 -13.46
N ASP A 492 -3.66 -7.59 -13.42
CA ASP A 492 -3.17 -8.86 -12.83
C ASP A 492 -3.43 -8.96 -11.31
N ILE A 493 -3.19 -7.86 -10.61
CA ILE A 493 -3.54 -7.80 -9.20
C ILE A 493 -5.04 -8.09 -9.01
N ASN A 494 -5.88 -7.42 -9.80
CA ASN A 494 -7.33 -7.57 -9.63
C ASN A 494 -7.77 -9.00 -9.93
N GLU A 495 -7.18 -9.59 -10.94
CA GLU A 495 -7.47 -10.97 -11.30
C GLU A 495 -6.94 -11.92 -10.22
N GLY A 496 -5.79 -11.58 -9.64
CA GLY A 496 -5.20 -12.38 -8.58
C GLY A 496 -6.05 -12.48 -7.32
N LEU A 497 -7.00 -11.57 -7.17
CA LEU A 497 -7.89 -11.59 -6.01
C LEU A 497 -9.13 -12.47 -6.22
N LEU A 498 -9.34 -12.97 -7.44
CA LEU A 498 -10.60 -13.66 -7.73
C LEU A 498 -10.59 -15.10 -7.21
N ARG A 499 -11.73 -15.53 -6.67
CA ARG A 499 -11.87 -16.89 -6.15
C ARG A 499 -11.86 -17.90 -7.29
N PRO A 500 -11.30 -19.08 -7.05
CA PRO A 500 -10.57 -19.53 -5.85
C PRO A 500 -9.16 -18.94 -5.77
N THR A 501 -8.78 -18.42 -4.61
CA THR A 501 -7.46 -17.84 -4.44
C THR A 501 -6.45 -18.93 -4.09
N PRO A 502 -5.19 -18.76 -4.48
CA PRO A 502 -4.21 -19.83 -4.26
C PRO A 502 -3.80 -19.92 -2.78
N VAL A 503 -3.94 -18.81 -2.06
CA VAL A 503 -3.80 -18.80 -0.61
C VAL A 503 -4.96 -18.01 -0.06
N SER A 504 -5.13 -18.03 1.26
CA SER A 504 -6.15 -17.22 1.90
C SER A 504 -6.03 -15.73 1.53
N THR A 505 -7.16 -15.07 1.35
CA THR A 505 -7.21 -13.65 0.96
C THR A 505 -6.44 -12.78 1.94
N GLU A 506 -6.44 -13.23 3.20
CA GLU A 506 -5.64 -12.58 4.23
C GLU A 506 -4.18 -12.35 3.78
N PHE A 507 -3.68 -13.21 2.89
CA PHE A 507 -2.26 -13.09 2.50
C PHE A 507 -2.09 -12.41 1.15
N LEU A 508 -3.20 -12.15 0.47
CA LEU A 508 -3.19 -11.33 -0.74
C LEU A 508 -3.28 -9.82 -0.44
N THR A 509 -4.11 -9.45 0.53
CA THR A 509 -4.35 -8.04 0.85
C THR A 509 -3.07 -7.23 1.17
N PRO A 510 -2.09 -7.81 1.90
CA PRO A 510 -0.85 -7.07 2.09
C PRO A 510 -0.17 -6.69 0.76
N ILE A 511 -0.30 -7.58 -0.21
CA ILE A 511 0.36 -7.39 -1.50
C ILE A 511 -0.37 -6.31 -2.28
N LEU A 512 -1.70 -6.36 -2.25
CA LEU A 512 -2.50 -5.30 -2.81
C LEU A 512 -2.17 -3.96 -2.15
N ASN A 513 -2.01 -3.98 -0.83
CA ASN A 513 -1.82 -2.73 -0.07
C ASN A 513 -0.44 -2.16 -0.34
N LEU A 514 0.54 -3.02 -0.60
CA LEU A 514 1.85 -2.54 -1.04
C LEU A 514 1.75 -1.77 -2.36
N ALA A 515 0.90 -2.23 -3.28
CA ALA A 515 0.71 -1.52 -4.56
C ALA A 515 0.00 -0.20 -4.35
N ARG A 516 -1.01 -0.19 -3.47
CA ARG A 516 -1.70 1.02 -3.09
C ARG A 516 -0.75 2.09 -2.50
N ILE A 517 0.12 1.64 -1.60
CA ILE A 517 1.08 2.56 -0.97
C ILE A 517 1.95 3.26 -2.01
N VAL A 518 2.38 2.52 -3.03
CA VAL A 518 3.10 3.08 -4.17
C VAL A 518 2.36 4.23 -4.82
N GLU A 519 1.11 3.95 -5.19
CA GLU A 519 0.26 4.90 -5.90
C GLU A 519 0.05 6.15 -5.06
N VAL A 520 -0.17 5.94 -3.77
CA VAL A 520 -0.41 7.05 -2.87
C VAL A 520 0.85 7.88 -2.62
N THR A 521 2.01 7.22 -2.48
CA THR A 521 3.25 7.92 -2.17
C THR A 521 3.80 8.69 -3.37
N TYR A 522 3.58 8.16 -4.57
CA TYR A 522 4.06 8.85 -5.76
C TYR A 522 2.93 9.54 -6.53
N ILE A 523 1.84 9.88 -5.86
CA ILE A 523 0.68 10.52 -6.50
C ILE A 523 1.11 11.75 -7.29
N HIS A 524 0.51 11.94 -8.46
CA HIS A 524 0.81 13.09 -9.33
C HIS A 524 2.28 13.09 -9.78
N ASN A 525 2.97 11.98 -9.54
CA ASN A 525 4.31 11.71 -10.04
C ASN A 525 5.47 12.52 -9.41
N LEU A 526 5.51 12.60 -8.08
CA LEU A 526 6.74 13.08 -7.42
C LEU A 526 7.03 12.17 -6.22
N ASP A 527 8.32 11.99 -5.92
N ASP A 527 8.30 11.94 -5.93
CA ASP A 527 8.79 11.06 -4.89
CA ASP A 527 8.62 10.96 -4.90
C ASP A 527 8.40 11.50 -3.48
C ASP A 527 8.33 11.50 -3.50
N GLY A 528 7.83 10.57 -2.71
N GLY A 528 7.22 11.04 -2.94
CA GLY A 528 7.20 10.92 -1.45
CA GLY A 528 6.93 11.26 -1.52
C GLY A 528 7.84 10.40 -0.17
C GLY A 528 7.94 10.44 -0.77
N TYR A 529 8.71 9.39 -0.29
N TYR A 529 8.46 9.44 -1.47
CA TYR A 529 9.40 8.87 0.89
CA TYR A 529 9.69 8.75 -1.10
C TYR A 529 10.68 9.67 1.15
C TYR A 529 10.79 9.79 -1.00
N THR A 530 11.52 9.83 0.12
CA THR A 530 12.71 10.67 0.26
C THR A 530 12.34 12.15 0.48
N HIS A 531 11.20 12.58 -0.06
CA HIS A 531 10.67 13.92 0.16
C HIS A 531 9.29 13.86 0.82
N PRO A 532 9.25 13.51 2.11
CA PRO A 532 7.98 13.27 2.81
C PRO A 532 7.19 14.54 3.02
N GLU A 533 7.79 15.70 2.80
CA GLU A 533 7.14 16.98 3.04
C GLU A 533 5.92 17.14 2.12
N LYS A 534 6.07 16.84 0.83
CA LYS A 534 4.96 16.99 -0.08
C LYS A 534 3.82 16.03 0.24
N VAL A 535 4.03 14.75 0.00
CA VAL A 535 2.94 13.78 0.02
C VAL A 535 2.57 13.24 1.39
N LEU A 536 3.56 12.69 2.11
CA LEU A 536 3.29 11.86 3.29
C LEU A 536 2.96 12.64 4.57
N LYS A 537 3.48 13.86 4.67
CA LYS A 537 3.32 14.64 5.90
C LYS A 537 1.84 14.86 6.26
N PRO A 538 1.00 15.31 5.31
CA PRO A 538 -0.42 15.43 5.67
C PRO A 538 -1.08 14.11 6.12
N HIS A 539 -0.74 13.00 5.46
CA HIS A 539 -1.30 11.69 5.83
C HIS A 539 -0.89 11.27 7.23
N ILE A 540 0.39 11.49 7.55
CA ILE A 540 0.91 11.14 8.84
C ILE A 540 0.21 11.98 9.92
N ILE A 541 -0.03 13.25 9.63
CA ILE A 541 -0.73 14.10 10.59
C ILE A 541 -2.18 13.63 10.78
N ASN A 542 -2.83 13.22 9.70
CA ASN A 542 -4.23 12.82 9.79
C ASN A 542 -4.41 11.45 10.42
N LEU A 543 -3.39 10.59 10.30
CA LEU A 543 -3.49 9.24 10.82
C LEU A 543 -2.91 9.07 12.22
N LEU A 544 -1.85 9.82 12.53
CA LEU A 544 -1.05 9.54 13.71
C LEU A 544 -0.88 10.73 14.65
N VAL A 545 -1.37 11.91 14.25
CA VAL A 545 -1.32 13.07 15.14
C VAL A 545 -2.71 13.57 15.57
N ASP A 546 -3.55 13.97 14.62
CA ASP A 546 -4.85 14.54 14.94
C ASP A 546 -5.92 13.46 15.02
N SER A 547 -6.66 13.44 16.12
CA SER A 547 -7.81 12.55 16.23
C SER A 547 -8.99 13.13 15.44
N ILE A 548 -9.95 12.29 15.08
CA ILE A 548 -11.17 12.82 14.46
C ILE A 548 -12.03 13.45 15.53
N LYS A 549 -12.45 14.70 15.32
CA LYS A 549 -13.27 15.38 16.32
C LYS A 549 -14.67 14.78 16.34
N ILE A 550 -15.18 14.60 17.55
CA ILE A 550 -16.49 14.01 17.77
C ILE A 550 -17.49 15.10 18.18
MG MG B . 14.28 5.49 -8.52
MG MG C . 19.22 2.19 -4.05
MG MG D . 18.39 4.92 -2.60
CAA FJP E . 14.95 1.97 -0.87
CAB FJP E . 14.10 3.83 0.73
CAC FJP E . 9.69 0.57 0.34
CAD FJP E . 11.26 2.22 -5.34
OAE FJP E . 16.18 5.39 -4.90
OAF FJP E . 16.28 3.31 -6.15
OAG FJP E . 17.69 3.61 -4.10
CAH FJP E . 13.14 1.49 0.81
CAI FJP E . 10.31 2.66 -0.93
CAJ FJP E . 12.87 2.47 -3.43
CAK FJP E . 12.22 1.88 1.96
CAL FJP E . 9.72 2.12 -2.26
CAM FJP E . 13.83 3.24 -4.38
CAN FJP E . 10.91 2.58 1.52
CAO FJP E . 10.74 1.23 -2.93
OAP FJP E . 15.16 3.30 -3.82
CAQ FJP E . 14.02 2.39 0.26
CAR FJP E . 10.30 1.95 0.25
CAS FJP E . 11.69 2.01 -3.88
PAT FJP E . 16.35 3.90 -4.75
#